data_6GKX
#
_entry.id   6GKX
#
_cell.length_a   36.323
_cell.length_b   36.323
_cell.length_c   216.813
_cell.angle_alpha   90.000
_cell.angle_beta   90.000
_cell.angle_gamma   90.000
#
_symmetry.space_group_name_H-M   'P 43 21 2'
#
loop_
_entity.id
_entity.type
_entity.pdbx_description
1 polymer 'Putative phage XkdM-like protein'
2 water water
#
_entity_poly.entity_id   1
_entity_poly.type   'polypeptide(L)'
_entity_poly.pdbx_seq_one_letter_code
;MGPMANMEARNVMSGTWGELWLDGNKVAEVKKFQAKMEFTKEDIIIAGQMGTDTKYMGYKGKGSITLYHVSSRMHKLIGE
KIKRGSEPRFVAISKLNDPDSYGAERIAVKNIAFDDLTLADWEVGVKGEIEAPFTFTEYDFLDII
;
_entity_poly.pdbx_strand_id   A
#
# COMPACT_ATOMS: atom_id res chain seq x y z
N ARG A 10 -10.57 -13.94 3.99
CA ARG A 10 -11.30 -14.71 2.97
C ARG A 10 -10.73 -14.32 1.60
N ASN A 11 -11.35 -13.38 0.90
CA ASN A 11 -10.73 -12.75 -0.26
CA ASN A 11 -10.73 -12.75 -0.26
C ASN A 11 -9.95 -11.49 0.13
N VAL A 12 -9.63 -11.34 1.42
CA VAL A 12 -8.88 -10.22 1.95
C VAL A 12 -7.45 -10.68 2.13
N MET A 13 -6.49 -9.85 1.74
CA MET A 13 -5.09 -10.14 1.97
C MET A 13 -4.62 -9.39 3.20
N SER A 14 -3.70 -10.00 3.96
CA SER A 14 -3.17 -9.32 5.14
C SER A 14 -1.76 -9.82 5.42
N GLY A 15 -1.05 -9.04 6.23
CA GLY A 15 0.35 -9.30 6.51
C GLY A 15 0.77 -8.59 7.78
N THR A 16 2.00 -8.90 8.21
CA THR A 16 2.56 -8.29 9.40
C THR A 16 3.81 -7.48 9.03
N TRP A 17 4.98 -7.91 9.48
CA TRP A 17 6.14 -7.02 9.50
C TRP A 17 6.65 -6.70 8.11
N GLY A 18 7.15 -5.48 7.94
CA GLY A 18 7.73 -5.10 6.67
C GLY A 18 8.25 -3.69 6.69
N GLU A 19 8.32 -3.10 5.48
CA GLU A 19 8.87 -1.78 5.28
CA GLU A 19 8.88 -1.78 5.28
C GLU A 19 8.05 -1.00 4.27
N LEU A 20 7.99 0.33 4.47
CA LEU A 20 7.39 1.25 3.51
C LEU A 20 8.44 2.09 2.82
N TRP A 21 8.29 2.25 1.51
CA TRP A 21 9.23 2.96 0.65
C TRP A 21 8.54 4.01 -0.18
N LEU A 22 9.24 5.14 -0.40
CA LEU A 22 8.87 6.23 -1.31
C LEU A 22 10.02 6.31 -2.31
N ASP A 23 9.80 5.81 -3.51
CA ASP A 23 10.85 5.64 -4.51
C ASP A 23 12.01 4.87 -3.87
N GLY A 24 13.24 5.35 -4.00
CA GLY A 24 14.42 4.68 -3.46
C GLY A 24 14.70 4.98 -2.01
N ASN A 25 13.72 5.51 -1.27
CA ASN A 25 13.86 5.87 0.13
C ASN A 25 13.07 4.95 1.03
N LYS A 26 13.70 4.40 2.06
CA LYS A 26 13.02 3.60 3.07
C LYS A 26 12.47 4.58 4.11
N VAL A 27 11.15 4.69 4.26
CA VAL A 27 10.54 5.79 5.00
C VAL A 27 9.80 5.35 6.26
N ALA A 28 9.48 4.06 6.41
CA ALA A 28 8.87 3.60 7.63
C ALA A 28 8.98 2.09 7.72
N GLU A 29 8.71 1.56 8.90
CA GLU A 29 8.50 0.14 9.07
C GLU A 29 6.99 -0.12 9.14
N VAL A 30 6.61 -1.32 8.76
CA VAL A 30 5.22 -1.75 8.75
C VAL A 30 5.01 -2.77 9.87
N LYS A 31 3.96 -2.56 10.68
CA LYS A 31 3.54 -3.52 11.69
C LYS A 31 2.55 -4.55 11.14
N LYS A 32 1.61 -4.10 10.30
CA LYS A 32 0.58 -4.98 9.75
C LYS A 32 -0.15 -4.22 8.66
N PHE A 33 -0.89 -4.97 7.84
CA PHE A 33 -1.76 -4.38 6.82
C PHE A 33 -2.88 -5.37 6.55
N GLN A 34 -4.00 -4.82 6.03
CA GLN A 34 -5.11 -5.58 5.48
C GLN A 34 -5.57 -4.86 4.21
N ALA A 35 -5.92 -5.63 3.18
CA ALA A 35 -6.35 -5.05 1.92
C ALA A 35 -7.47 -5.86 1.29
N LYS A 36 -8.34 -5.16 0.56
CA LYS A 36 -9.41 -5.78 -0.20
C LYS A 36 -9.42 -5.23 -1.61
N MET A 37 -9.79 -6.05 -2.58
CA MET A 37 -9.96 -5.62 -3.96
CA MET A 37 -9.96 -5.62 -3.96
C MET A 37 -11.44 -5.42 -4.22
N GLU A 38 -11.78 -4.40 -5.02
CA GLU A 38 -13.19 -4.07 -5.26
C GLU A 38 -13.49 -3.89 -6.73
N PHE A 39 -14.58 -4.51 -7.17
CA PHE A 39 -15.17 -4.22 -8.48
C PHE A 39 -16.00 -2.95 -8.39
N THR A 40 -15.71 -2.00 -9.27
CA THR A 40 -16.51 -0.78 -9.39
C THR A 40 -17.37 -0.84 -10.65
N LYS A 41 -18.38 0.04 -10.71
CA LYS A 41 -19.23 0.07 -11.89
C LYS A 41 -18.43 0.51 -13.11
N GLU A 42 -17.44 1.37 -12.93
CA GLU A 42 -16.63 1.80 -14.06
C GLU A 42 -15.86 0.62 -14.65
N ASP A 43 -15.35 -0.26 -13.79
CA ASP A 43 -14.69 -1.46 -14.27
C ASP A 43 -15.68 -2.38 -14.97
N ILE A 44 -16.91 -2.43 -14.47
CA ILE A 44 -17.91 -3.32 -15.06
C ILE A 44 -18.24 -2.90 -16.49
N ILE A 45 -18.26 -1.60 -16.75
CA ILE A 45 -18.57 -1.13 -18.10
C ILE A 45 -17.51 -1.60 -19.08
N ILE A 46 -16.23 -1.47 -18.72
CA ILE A 46 -15.15 -1.84 -19.64
C ILE A 46 -15.20 -3.33 -19.94
N ALA A 47 -15.38 -4.17 -18.92
CA ALA A 47 -15.38 -5.61 -19.15
C ALA A 47 -16.54 -6.06 -20.03
N GLY A 48 -17.59 -5.25 -20.12
CA GLY A 48 -18.73 -5.60 -20.95
C GLY A 48 -18.68 -5.13 -22.37
N GLN A 49 -17.60 -4.45 -22.77
CA GLN A 49 -17.50 -3.96 -24.13
C GLN A 49 -17.46 -5.12 -25.12
N MET A 50 -18.36 -5.07 -26.11
CA MET A 50 -18.36 -6.00 -27.23
C MET A 50 -17.08 -5.81 -28.03
N GLY A 51 -16.14 -6.75 -27.91
CA GLY A 51 -14.84 -6.61 -28.53
C GLY A 51 -13.70 -6.80 -27.56
N THR A 52 -14.02 -7.35 -26.38
CA THR A 52 -13.04 -7.75 -25.37
C THR A 52 -11.68 -7.08 -25.48
N LYS A 55 -11.24 -12.14 -20.16
CA LYS A 55 -12.04 -12.65 -19.05
C LYS A 55 -11.56 -12.10 -17.71
N TYR A 56 -10.78 -11.02 -17.77
CA TYR A 56 -10.30 -10.33 -16.59
C TYR A 56 -11.03 -9.01 -16.42
N MET A 57 -10.85 -8.38 -15.25
CA MET A 57 -11.58 -7.17 -14.91
CA MET A 57 -11.58 -7.17 -14.91
C MET A 57 -10.69 -6.26 -14.08
N GLY A 58 -10.82 -4.95 -14.32
CA GLY A 58 -10.07 -3.97 -13.56
C GLY A 58 -10.54 -3.90 -12.12
N TYR A 59 -9.66 -3.44 -11.24
CA TYR A 59 -9.97 -3.48 -9.82
C TYR A 59 -9.36 -2.29 -9.11
N LYS A 60 -10.02 -1.89 -8.03
CA LYS A 60 -9.54 -0.87 -7.12
C LYS A 60 -9.19 -1.52 -5.78
N GLY A 61 -7.96 -1.31 -5.32
CA GLY A 61 -7.49 -1.83 -4.05
C GLY A 61 -7.63 -0.82 -2.92
N LYS A 62 -8.08 -1.29 -1.76
CA LYS A 62 -8.22 -0.45 -0.58
C LYS A 62 -7.81 -1.24 0.64
N GLY A 63 -7.21 -0.57 1.60
CA GLY A 63 -6.80 -1.25 2.81
C GLY A 63 -6.44 -0.32 3.94
N SER A 64 -5.87 -0.90 4.98
CA SER A 64 -5.33 -0.17 6.12
C SER A 64 -3.95 -0.69 6.41
N ILE A 65 -3.06 0.18 6.86
CA ILE A 65 -1.69 -0.19 7.18
C ILE A 65 -1.27 0.53 8.45
N THR A 66 -0.49 -0.14 9.28
CA THR A 66 0.00 0.43 10.54
C THR A 66 1.50 0.63 10.39
N LEU A 67 1.96 1.87 10.59
CA LEU A 67 3.34 2.30 10.34
C LEU A 67 3.99 2.74 11.63
N TYR A 68 5.31 2.57 11.74
CA TYR A 68 6.10 3.02 12.89
C TYR A 68 7.54 3.23 12.40
N HIS A 69 8.36 3.80 13.27
CA HIS A 69 9.74 4.13 12.89
C HIS A 69 9.77 4.93 11.59
N VAL A 70 8.87 5.90 11.48
CA VAL A 70 8.86 6.79 10.33
C VAL A 70 10.17 7.58 10.28
N SER A 71 10.68 7.72 9.07
CA SER A 71 11.93 8.43 8.82
C SER A 71 11.81 9.91 9.16
N SER A 72 12.90 10.46 9.74
CA SER A 72 12.98 11.89 9.96
C SER A 72 13.02 12.68 8.66
N ARG A 73 13.17 12.02 7.53
CA ARG A 73 13.22 12.69 6.24
CA ARG A 73 13.22 12.69 6.24
C ARG A 73 11.86 12.84 5.57
N MET A 74 10.79 12.28 6.15
CA MET A 74 9.49 12.31 5.48
C MET A 74 9.04 13.72 5.16
N HIS A 75 9.17 14.63 6.14
CA HIS A 75 8.76 16.01 5.92
C HIS A 75 9.36 16.58 4.66
N LYS A 76 10.68 16.40 4.49
CA LYS A 76 11.38 16.97 3.34
C LYS A 76 10.99 16.25 2.06
N LEU A 77 10.89 14.91 2.10
CA LEU A 77 10.54 14.15 0.90
C LEU A 77 9.16 14.55 0.39
N ILE A 78 8.20 14.76 1.29
CA ILE A 78 6.86 15.18 0.86
C ILE A 78 6.90 16.59 0.28
N GLY A 79 7.65 17.49 0.93
CA GLY A 79 7.78 18.84 0.38
C GLY A 79 8.35 18.82 -1.03
N GLU A 80 9.31 17.90 -1.29
CA GLU A 80 9.88 17.85 -2.63
C GLU A 80 8.88 17.33 -3.64
N LYS A 81 8.01 16.40 -3.24
CA LYS A 81 6.96 15.95 -4.14
C LYS A 81 6.04 17.10 -4.52
N ILE A 82 5.63 17.91 -3.53
CA ILE A 82 4.72 19.01 -3.77
C ILE A 82 5.36 20.03 -4.71
N LYS A 83 6.65 20.29 -4.48
CA LYS A 83 7.41 21.19 -5.34
C LYS A 83 7.41 20.71 -6.79
N ARG A 84 7.57 19.39 -6.98
CA ARG A 84 7.58 18.83 -8.32
C ARG A 84 6.20 18.72 -8.94
N GLY A 85 5.15 18.79 -8.15
CA GLY A 85 3.81 18.59 -8.65
C GLY A 85 3.28 17.16 -8.63
N SER A 86 3.94 16.23 -7.93
CA SER A 86 3.66 14.79 -7.99
C SER A 86 3.06 14.29 -6.70
N GLU A 87 1.84 13.77 -6.75
CA GLU A 87 1.27 13.16 -5.55
C GLU A 87 2.11 11.94 -5.15
N PRO A 88 2.48 11.78 -3.87
CA PRO A 88 3.45 10.71 -3.51
C PRO A 88 2.83 9.33 -3.57
N ARG A 89 3.57 8.39 -4.13
CA ARG A 89 3.12 7.01 -4.33
C ARG A 89 4.16 6.06 -3.75
N PHE A 90 3.69 5.17 -2.90
CA PHE A 90 4.58 4.34 -2.08
C PHE A 90 4.53 2.87 -2.47
N VAL A 91 5.47 2.09 -1.89
CA VAL A 91 5.49 0.63 -1.98
C VAL A 91 5.60 0.11 -0.56
N ALA A 92 4.79 -0.87 -0.19
CA ALA A 92 4.93 -1.59 1.06
C ALA A 92 5.32 -3.03 0.78
N ILE A 93 6.34 -3.52 1.50
CA ILE A 93 6.73 -4.92 1.51
CA ILE A 93 6.70 -4.93 1.50
C ILE A 93 6.33 -5.49 2.87
N SER A 94 5.65 -6.63 2.88
CA SER A 94 5.14 -7.19 4.13
C SER A 94 5.13 -8.70 4.11
N LYS A 95 5.27 -9.29 5.31
CA LYS A 95 5.20 -10.74 5.52
C LYS A 95 3.73 -11.16 5.47
N LEU A 96 3.40 -12.04 4.53
CA LEU A 96 2.01 -12.43 4.35
C LEU A 96 1.50 -13.28 5.51
N ASN A 97 0.26 -13.03 5.92
CA ASN A 97 -0.47 -14.00 6.69
C ASN A 97 -0.91 -15.15 5.79
N ASP A 98 -0.90 -16.38 6.33
CA ASP A 98 -1.32 -17.58 5.59
C ASP A 98 -0.50 -17.74 4.32
N PRO A 99 0.84 -17.71 4.42
CA PRO A 99 1.66 -17.76 3.19
C PRO A 99 1.43 -19.01 2.34
N ASP A 100 1.13 -20.16 2.96
CA ASP A 100 0.94 -21.39 2.19
C ASP A 100 -0.23 -21.27 1.23
N SER A 101 -1.26 -20.52 1.61
CA SER A 101 -2.41 -20.32 0.72
C SER A 101 -2.06 -19.54 -0.53
N TYR A 102 -1.00 -18.71 -0.49
CA TYR A 102 -0.59 -17.94 -1.65
C TYR A 102 0.57 -18.57 -2.42
N GLY A 103 1.30 -19.48 -1.79
CA GLY A 103 2.55 -19.94 -2.35
C GLY A 103 3.64 -18.90 -2.31
N ALA A 104 3.56 -17.94 -1.37
CA ALA A 104 4.56 -16.89 -1.26
C ALA A 104 4.62 -16.40 0.18
N GLU A 105 5.80 -15.96 0.61
CA GLU A 105 5.98 -15.51 1.99
C GLU A 105 5.83 -14.02 2.16
N ARG A 106 6.01 -13.21 1.10
CA ARG A 106 5.92 -11.77 1.21
C ARG A 106 5.18 -11.19 0.01
N ILE A 107 4.75 -9.95 0.16
CA ILE A 107 4.00 -9.26 -0.87
C ILE A 107 4.61 -7.87 -1.00
N ALA A 108 4.68 -7.36 -2.23
CA ALA A 108 4.93 -5.93 -2.51
C ALA A 108 3.60 -5.33 -2.96
N VAL A 109 3.06 -4.41 -2.17
CA VAL A 109 1.85 -3.68 -2.49
C VAL A 109 2.29 -2.33 -3.07
N LYS A 110 1.87 -2.04 -4.30
CA LYS A 110 2.52 -1.00 -5.08
C LYS A 110 1.56 0.11 -5.52
N ASN A 111 2.16 1.25 -5.87
CA ASN A 111 1.42 2.45 -6.24
C ASN A 111 0.40 2.82 -5.16
N ILE A 112 0.86 2.83 -3.91
CA ILE A 112 0.04 3.16 -2.75
C ILE A 112 -0.17 4.67 -2.65
N ALA A 113 -1.42 5.10 -2.46
CA ALA A 113 -1.77 6.49 -2.18
C ALA A 113 -2.36 6.53 -0.78
N PHE A 114 -2.01 7.57 0.00
CA PHE A 114 -2.59 7.84 1.31
C PHE A 114 -3.41 9.13 1.19
N ASP A 115 -4.71 9.01 1.05
CA ASP A 115 -5.54 10.19 0.83
C ASP A 115 -5.55 11.12 2.04
N ASP A 116 -5.46 10.57 3.26
CA ASP A 116 -5.68 11.38 4.44
C ASP A 116 -4.53 11.52 5.42
N LEU A 117 -3.33 11.00 5.11
CA LEU A 117 -2.22 11.13 6.04
CA LEU A 117 -2.21 11.13 6.03
C LEU A 117 -1.65 12.55 5.99
N THR A 118 -1.62 13.20 7.13
CA THR A 118 -1.10 14.55 7.25
C THR A 118 0.35 14.53 7.73
N LEU A 119 0.98 15.70 7.67
CA LEU A 119 2.33 15.84 8.21
C LEU A 119 2.36 15.48 9.69
N ALA A 120 1.31 15.84 10.42
CA ALA A 120 1.27 15.49 11.84
C ALA A 120 1.12 13.98 12.06
N ASP A 121 0.44 13.29 11.14
CA ASP A 121 0.31 11.83 11.25
C ASP A 121 1.67 11.17 11.05
N TRP A 122 2.43 11.63 10.05
CA TRP A 122 3.80 11.15 9.89
C TRP A 122 4.63 11.42 11.13
N GLU A 123 4.44 12.58 11.78
CA GLU A 123 5.15 12.93 13.01
C GLU A 123 4.83 11.93 14.12
N VAL A 124 3.55 11.60 14.29
CA VAL A 124 3.17 10.66 15.35
C VAL A 124 3.85 9.32 15.15
N GLY A 125 4.12 8.94 13.91
CA GLY A 125 4.75 7.67 13.60
C GLY A 125 6.25 7.61 13.74
N VAL A 126 6.92 8.69 14.10
CA VAL A 126 8.35 8.63 14.35
C VAL A 126 8.64 7.84 15.62
N LYS A 127 8.06 8.26 16.74
CA LYS A 127 8.24 7.59 18.02
C LYS A 127 7.06 6.69 18.40
N GLY A 128 5.92 6.85 17.72
CA GLY A 128 4.75 6.03 17.98
C GLY A 128 4.33 5.26 16.77
N GLU A 129 3.04 4.96 16.65
CA GLU A 129 2.52 4.21 15.52
C GLU A 129 1.30 4.94 14.98
N ILE A 130 1.05 4.75 13.69
CA ILE A 130 -0.06 5.40 13.01
CA ILE A 130 -0.06 5.40 13.02
C ILE A 130 -0.72 4.40 12.09
N GLU A 131 -2.05 4.33 12.12
CA GLU A 131 -2.82 3.47 11.25
C GLU A 131 -3.51 4.37 10.23
N ALA A 132 -3.31 4.05 8.95
CA ALA A 132 -3.91 4.90 7.92
C ALA A 132 -4.56 4.10 6.81
N PRO A 133 -5.67 4.58 6.27
CA PRO A 133 -6.24 3.94 5.09
C PRO A 133 -5.39 4.24 3.88
N PHE A 134 -5.47 3.36 2.90
CA PHE A 134 -4.68 3.53 1.70
C PHE A 134 -5.38 2.87 0.53
N THR A 135 -4.97 3.26 -0.68
CA THR A 135 -5.40 2.61 -1.91
C THR A 135 -4.16 2.12 -2.64
N PHE A 136 -4.35 1.12 -3.52
CA PHE A 136 -3.23 0.61 -4.29
C PHE A 136 -3.77 0.04 -5.58
N THR A 137 -2.91 -0.09 -6.58
CA THR A 137 -3.37 -0.52 -7.90
C THR A 137 -2.68 -1.78 -8.44
N GLU A 138 -1.63 -2.26 -7.80
CA GLU A 138 -1.00 -3.49 -8.24
C GLU A 138 -0.21 -4.08 -7.08
N TYR A 139 0.13 -5.36 -7.22
CA TYR A 139 0.91 -6.06 -6.21
C TYR A 139 1.69 -7.21 -6.82
N ASP A 140 2.75 -7.62 -6.13
CA ASP A 140 3.58 -8.75 -6.54
C ASP A 140 3.79 -9.68 -5.35
N PHE A 141 3.74 -10.99 -5.60
CA PHE A 141 4.10 -11.97 -4.59
C PHE A 141 5.60 -12.19 -4.62
N LEU A 142 6.21 -12.28 -3.44
CA LEU A 142 7.66 -12.40 -3.28
C LEU A 142 7.99 -13.61 -2.42
N ASP A 143 9.23 -14.08 -2.52
CA ASP A 143 9.71 -15.23 -1.77
C ASP A 143 8.78 -16.42 -1.99
N ILE A 144 8.77 -16.86 -3.24
CA ILE A 144 7.88 -17.95 -3.62
C ILE A 144 8.27 -19.24 -2.90
N ILE A 145 7.26 -20.00 -2.52
CA ILE A 145 7.45 -21.31 -1.90
C ILE A 145 6.52 -22.33 -2.53
#